data_2QXI
#
_entry.id   2QXI
#
_cell.length_a   38.254
_cell.length_b   56.953
_cell.length_c   45.533
_cell.angle_alpha   90.000
_cell.angle_beta   101.370
_cell.angle_gamma   90.000
#
_symmetry.space_group_name_H-M   'P 1 21 1'
#
loop_
_entity.id
_entity.type
_entity.pdbx_description
1 polymer Kallikrein-7
2 non-polymer N-(3-carboxypropanoyl)-L-alanyl-L-alanyl-N-[(2S,3S)-4-chloro-3-hydroxy-1-phenylbutan-2-yl]-L-prolinamide
3 water water
#
_entity_poly.entity_id   1
_entity_poly.type   'polypeptide(L)'
_entity_poly.pdbx_seq_one_letter_code
;IIDGAPCARGSHPWQVALLSGNQLHCGGVLVNERWVLTAAHCKMNEYTVHLGSDTLGDRRAQRIKASKSFRHPGYSTQTH
VNDLMLVKLNSQARLSSMVKKVRLPSRCEPPGTTCTVSGWGTTTSPDVTFPSDLMCVDVKLISPQDCTKVYKDLLENSML
CAGIPDSKKNACNGDSGGPLVCRGTLQGLVSWGTFPCGQPNDPGVYTQVCKFTKWINDTMKKHR
;
_entity_poly.pdbx_strand_id   A
#
loop_
_chem_comp.id
_chem_comp.type
_chem_comp.name
_chem_comp.formula
K7J non-polymer N-(3-carboxypropanoyl)-L-alanyl-L-alanyl-N-[(2S,3S)-4-chloro-3-hydroxy-1-phenylbutan-2-yl]-L-prolinamide 'C25 H35 Cl N4 O7'
#
# COMPACT_ATOMS: atom_id res chain seq x y z
N ILE A 1 5.62 -8.58 3.23
CA ILE A 1 6.15 -8.88 1.87
C ILE A 1 6.77 -10.27 1.88
C ILE A 1 6.82 -10.25 1.91
N ILE A 2 6.35 -11.15 0.97
N ILE A 2 6.37 -11.15 1.02
CA ILE A 2 6.91 -12.47 0.85
CA ILE A 2 6.92 -12.48 0.87
C ILE A 2 8.03 -12.47 -0.19
N ASP A 3 9.16 -13.07 0.15
CA ASP A 3 10.29 -13.34 -0.74
C ASP A 3 10.95 -12.08 -1.28
C ASP A 3 10.95 -12.12 -1.37
N GLY A 4 10.93 -11.04 -0.44
N GLY A 4 11.07 -11.01 -0.63
CA GLY A 4 11.59 -9.79 -0.68
CA GLY A 4 11.77 -9.88 -1.21
C GLY A 4 12.97 -9.63 -0.10
C GLY A 4 13.11 -9.64 -0.55
N ALA A 5 13.47 -8.42 -0.21
N ALA A 5 13.25 -8.44 0.00
CA ALA A 5 14.79 -8.02 0.31
CA ALA A 5 14.53 -7.98 0.56
C ALA A 5 14.61 -6.64 0.93
C ALA A 5 14.34 -6.58 1.11
N PRO A 6 15.45 -6.17 1.85
N PRO A 6 15.27 -6.15 1.98
CA PRO A 6 15.21 -4.82 2.39
CA PRO A 6 15.16 -4.76 2.45
C PRO A 6 15.20 -3.79 1.27
N CYS A 7 14.28 -2.84 1.34
CA CYS A 7 14.28 -1.74 0.43
C CYS A 7 15.57 -0.94 0.58
N ALA A 8 15.99 -0.28 -0.50
CA ALA A 8 17.17 0.59 -0.43
C ALA A 8 16.94 1.67 0.60
N ARG A 9 17.93 1.88 1.47
CA ARG A 9 17.76 2.85 2.53
C ARG A 9 17.49 4.24 1.97
N GLY A 10 16.47 4.93 2.48
CA GLY A 10 16.16 6.28 2.13
C GLY A 10 15.40 6.39 0.82
N SER A 11 15.10 5.30 0.13
CA SER A 11 14.43 5.30 -1.14
C SER A 11 12.89 5.31 -1.09
N HIS A 12 12.33 5.22 0.10
CA HIS A 12 10.90 5.20 0.33
C HIS A 12 10.46 6.27 1.31
N PRO A 13 10.82 7.54 1.11
CA PRO A 13 10.50 8.56 2.10
C PRO A 13 9.01 8.92 2.19
N TRP A 14 8.22 8.45 1.25
CA TRP A 14 6.75 8.59 1.25
C TRP A 14 6.05 7.40 1.88
N GLN A 15 6.77 6.34 2.24
CA GLN A 15 6.13 5.22 2.96
C GLN A 15 5.85 5.66 4.40
N VAL A 16 4.67 5.33 4.87
CA VAL A 16 4.34 5.45 6.29
C VAL A 16 3.82 4.11 6.78
N ALA A 17 3.71 4.02 8.10
CA ALA A 17 3.00 2.94 8.73
C ALA A 17 1.86 3.50 9.57
N LEU A 18 0.74 2.84 9.58
CA LEU A 18 -0.38 3.12 10.44
C LEU A 18 -0.33 2.09 11.55
N LEU A 19 -0.28 2.57 12.78
CA LEU A 19 -0.15 1.79 13.98
C LEU A 19 -1.40 1.94 14.86
N SER A 20 -1.67 0.86 15.57
CA SER A 20 -2.63 0.84 16.67
C SER A 20 -1.80 0.95 17.93
N GLY A 21 -1.67 2.14 18.46
CA GLY A 21 -0.65 2.42 19.47
C GLY A 21 0.73 2.37 18.80
N ASN A 22 1.51 1.38 19.23
CA ASN A 22 2.77 1.23 18.49
C ASN A 22 2.84 -0.17 17.87
C ASN A 22 2.78 0.02 17.56
N GLN A 23 1.72 -0.79 17.52
CA GLN A 23 1.64 -2.00 16.79
C GLN A 23 1.26 -1.80 15.35
N LEU A 24 1.99 -2.39 14.41
CA LEU A 24 1.65 -2.28 13.00
C LEU A 24 0.24 -2.70 12.74
N HIS A 25 -0.49 -1.87 11.99
CA HIS A 25 -1.80 -2.20 11.46
C HIS A 25 -1.74 -2.31 9.94
N CYS A 26 -1.24 -1.28 9.25
CA CYS A 26 -1.21 -1.25 7.80
C CYS A 26 -0.05 -0.32 7.36
N GLY A 27 0.25 -0.38 6.06
CA GLY A 27 1.05 0.62 5.45
C GLY A 27 0.22 1.81 4.97
N GLY A 28 0.89 2.73 4.32
CA GLY A 28 0.25 3.92 3.76
C GLY A 28 1.31 4.71 3.03
N VAL A 29 0.84 5.80 2.38
CA VAL A 29 1.69 6.68 1.64
C VAL A 29 1.37 8.10 2.00
N LEU A 30 2.41 8.94 2.16
CA LEU A 30 2.21 10.34 2.45
C LEU A 30 1.87 11.06 1.16
N VAL A 31 0.69 11.72 1.11
CA VAL A 31 0.28 12.51 -0.03
C VAL A 31 0.66 13.95 0.13
N ASN A 32 0.48 14.53 1.33
CA ASN A 32 0.98 15.90 1.64
C ASN A 32 1.13 15.98 3.16
N GLU A 33 1.44 17.17 3.64
CA GLU A 33 1.76 17.38 5.02
C GLU A 33 0.61 17.01 5.95
N ARG A 34 -0.61 16.95 5.42
CA ARG A 34 -1.72 16.63 6.33
C ARG A 34 -2.39 15.32 5.99
N TRP A 35 -2.02 14.59 4.98
CA TRP A 35 -2.79 13.45 4.49
C TRP A 35 -1.98 12.23 4.12
N VAL A 36 -2.48 11.08 4.57
CA VAL A 36 -1.96 9.77 4.23
C VAL A 36 -3.05 9.03 3.43
N LEU A 37 -2.63 8.34 2.40
CA LEU A 37 -3.48 7.47 1.61
C LEU A 37 -3.16 6.03 1.99
N THR A 38 -4.21 5.23 2.16
CA THR A 38 -4.09 3.84 2.59
C THR A 38 -5.31 3.06 2.08
N ALA A 39 -5.45 1.82 2.52
CA ALA A 39 -6.57 0.99 2.17
C ALA A 39 -7.74 1.25 3.15
N ALA A 40 -8.97 1.29 2.62
CA ALA A 40 -10.17 1.40 3.44
C ALA A 40 -10.34 0.25 4.39
N HIS A 41 -9.87 -0.94 4.06
CA HIS A 41 -10.06 -2.05 4.99
C HIS A 41 -9.22 -1.86 6.27
N CYS A 42 -8.30 -0.87 6.28
CA CYS A 42 -7.50 -0.54 7.43
C CYS A 42 -8.13 0.45 8.40
N LYS A 43 -9.41 0.83 8.14
CA LYS A 43 -10.11 1.80 8.95
C LYS A 43 -10.07 1.43 10.46
N MET A 44 -9.76 2.47 11.24
CA MET A 44 -9.84 2.43 12.70
C MET A 44 -10.34 3.79 13.17
N ASN A 45 -10.70 3.87 14.45
CA ASN A 45 -11.14 5.14 15.00
C ASN A 45 -10.00 6.15 15.09
N GLU A 46 -8.80 5.72 15.42
CA GLU A 46 -7.64 6.56 15.50
C GLU A 46 -6.42 5.75 15.04
N TYR A 47 -5.35 6.48 14.73
CA TYR A 47 -4.13 5.85 14.26
C TYR A 47 -2.95 6.63 14.84
N THR A 48 -1.81 5.96 14.97
CA THR A 48 -0.54 6.61 15.09
C THR A 48 0.21 6.40 13.76
N VAL A 49 0.72 7.46 13.21
CA VAL A 49 1.40 7.37 11.92
C VAL A 49 2.90 7.47 12.14
N HIS A 50 3.62 6.49 11.64
CA HIS A 50 5.09 6.43 11.61
C HIS A 50 5.58 6.99 10.30
N LEU A 51 6.52 7.91 10.34
CA LEU A 51 7.13 8.49 9.14
C LEU A 51 8.65 8.59 9.39
N GLY A 52 9.42 8.58 8.26
CA GLY A 52 10.78 9.01 8.31
C GLY A 52 11.82 8.03 8.77
N SER A 53 11.52 6.74 8.72
CA SER A 53 12.53 5.73 8.90
C SER A 53 12.11 4.41 8.25
N ASP A 54 13.10 3.76 7.62
CA ASP A 54 12.90 2.43 7.08
C ASP A 54 12.77 1.38 8.18
N THR A 55 13.17 1.72 9.40
CA THR A 55 13.10 0.79 10.53
C THR A 55 11.79 1.07 11.27
N LEU A 56 10.86 0.14 11.23
CA LEU A 56 9.61 0.30 11.91
C LEU A 56 10.00 0.10 13.37
C LEU A 56 9.85 0.44 13.39
N GLY A 57 9.48 0.79 14.35
N GLY A 57 9.23 1.45 14.01
CA GLY A 57 10.09 0.70 15.66
CA GLY A 57 9.59 1.38 15.45
C GLY A 57 11.24 1.66 15.94
C GLY A 57 10.88 2.04 15.88
N ASP A 58 11.74 2.39 14.96
N ASP A 58 11.65 2.54 14.93
CA ASP A 58 12.86 3.34 15.19
C ASP A 58 12.52 4.37 16.27
N ARG A 59 13.32 4.44 17.33
CA ARG A 59 13.04 5.38 18.40
C ARG A 59 13.07 6.79 17.93
N ARG A 60 13.74 7.09 16.82
CA ARG A 60 13.91 8.41 16.28
C ARG A 60 12.98 8.73 15.13
N ALA A 61 12.03 7.86 14.82
CA ALA A 61 11.06 8.15 13.77
C ALA A 61 10.07 9.24 14.20
N GLN A 62 9.55 9.94 13.22
CA GLN A 62 8.44 10.85 13.48
C GLN A 62 7.16 10.09 13.69
N ARG A 63 6.39 10.51 14.69
CA ARG A 63 5.11 9.88 15.01
C ARG A 63 4.05 10.95 15.16
N ILE A 64 2.93 10.81 14.46
CA ILE A 64 1.84 11.75 14.46
C ILE A 64 0.54 11.03 14.67
N LYS A 65 -0.30 11.53 15.58
CA LYS A 65 -1.62 11.00 15.75
C LYS A 65 -2.55 11.45 14.65
N ALA A 66 -3.47 10.56 14.29
CA ALA A 66 -4.47 10.88 13.28
C ALA A 66 -5.81 10.41 13.77
N SER A 67 -6.76 11.34 13.93
CA SER A 67 -8.07 11.01 14.48
C SER A 67 -9.10 10.81 13.39
C SER A 67 -9.20 11.17 13.49
N LYS A 68 -8.99 11.42 12.21
CA LYS A 68 -9.99 11.50 11.18
C LYS A 68 -9.55 10.66 10.01
N SER A 69 -10.51 9.91 9.43
CA SER A 69 -10.20 9.19 8.18
C SER A 69 -11.51 9.02 7.44
N PHE A 70 -11.39 8.93 6.09
CA PHE A 70 -12.48 8.95 5.16
C PHE A 70 -12.27 7.91 4.06
N ARG A 71 -13.06 6.84 4.10
CA ARG A 71 -13.05 5.81 3.11
C ARG A 71 -13.70 6.30 1.83
N HIS A 72 -13.28 5.75 0.70
CA HIS A 72 -14.00 6.02 -0.55
C HIS A 72 -15.47 5.61 -0.38
N PRO A 73 -16.41 6.44 -0.87
CA PRO A 73 -17.83 6.15 -0.61
C PRO A 73 -18.36 4.92 -1.24
N GLY A 74 -17.69 4.38 -2.14
CA GLY A 74 -17.96 3.15 -2.88
C GLY A 74 -17.30 1.90 -2.29
N TYR A 75 -16.59 2.05 -1.21
CA TYR A 75 -15.94 0.89 -0.58
C TYR A 75 -16.97 -0.14 -0.11
N SER A 76 -16.66 -1.40 -0.30
CA SER A 76 -17.45 -2.51 0.25
C SER A 76 -16.63 -3.32 1.24
N THR A 77 -17.17 -3.55 2.43
CA THR A 77 -16.51 -4.41 3.41
C THR A 77 -16.64 -5.89 3.03
N GLN A 78 -17.49 -6.20 2.01
CA GLN A 78 -17.59 -7.58 1.53
C GLN A 78 -16.66 -7.91 0.41
N THR A 79 -16.60 -7.06 -0.63
CA THR A 79 -15.82 -7.34 -1.84
C THR A 79 -14.48 -6.57 -1.88
N HIS A 80 -14.37 -5.53 -1.06
CA HIS A 80 -13.20 -4.67 -1.05
C HIS A 80 -13.03 -3.91 -2.33
N VAL A 81 -14.07 -3.75 -3.13
CA VAL A 81 -14.02 -2.79 -4.20
C VAL A 81 -13.77 -1.39 -3.61
N ASN A 82 -13.04 -0.55 -4.34
CA ASN A 82 -12.72 0.81 -3.93
C ASN A 82 -12.03 0.83 -2.56
N ASP A 83 -11.02 0.01 -2.42
CA ASP A 83 -10.30 -0.14 -1.14
C ASP A 83 -9.27 0.96 -0.98
N LEU A 84 -9.74 2.16 -0.68
CA LEU A 84 -8.85 3.29 -0.46
C LEU A 84 -9.52 4.25 0.56
N MET A 85 -8.66 4.97 1.24
CA MET A 85 -9.04 5.80 2.37
C MET A 85 -8.00 6.88 2.58
N LEU A 86 -8.44 8.07 2.92
CA LEU A 86 -7.57 9.19 3.29
C LEU A 86 -7.63 9.39 4.78
N VAL A 87 -6.46 9.47 5.41
CA VAL A 87 -6.27 9.65 6.82
C VAL A 87 -5.70 11.04 7.06
N LYS A 88 -6.38 11.86 7.87
CA LYS A 88 -5.95 13.23 8.13
C LYS A 88 -5.09 13.27 9.40
N LEU A 89 -3.87 13.74 9.22
CA LEU A 89 -2.94 13.89 10.34
C LEU A 89 -3.40 15.00 11.28
N ASN A 90 -3.22 14.82 12.59
CA ASN A 90 -3.69 15.86 13.51
C ASN A 90 -2.77 17.07 13.51
N SER A 91 -1.54 16.91 13.03
CA SER A 91 -0.62 18.03 12.93
C SER A 91 0.15 17.77 11.67
N GLN A 92 0.79 18.80 11.18
CA GLN A 92 1.48 18.65 9.87
C GLN A 92 2.72 17.82 10.01
N ALA A 93 2.91 16.91 9.06
CA ALA A 93 4.14 16.18 8.94
C ALA A 93 5.29 17.17 8.65
N ARG A 94 6.39 17.00 9.27
CA ARG A 94 7.63 17.69 9.02
C ARG A 94 8.37 16.98 7.89
N LEU A 95 8.46 17.67 6.76
CA LEU A 95 9.10 17.13 5.60
C LEU A 95 10.60 17.28 5.67
N SER A 96 11.35 16.36 5.03
CA SER A 96 12.80 16.37 5.05
C SER A 96 13.32 15.47 3.96
N SER A 97 14.63 15.19 3.92
CA SER A 97 15.13 14.21 2.92
C SER A 97 14.56 12.82 3.20
N MET A 98 14.01 12.58 4.39
CA MET A 98 13.48 11.27 4.76
C MET A 98 11.96 11.20 4.84
N VAL A 99 11.27 12.30 4.63
CA VAL A 99 9.82 12.39 4.68
C VAL A 99 9.41 13.27 3.50
N LYS A 100 8.82 12.65 2.50
CA LYS A 100 8.50 13.31 1.23
C LYS A 100 7.12 12.88 0.77
N LYS A 101 6.47 13.75 0.02
CA LYS A 101 5.19 13.48 -0.61
C LYS A 101 5.41 12.53 -1.79
N VAL A 102 4.52 11.55 -1.94
CA VAL A 102 4.55 10.64 -3.05
C VAL A 102 4.16 11.35 -4.35
N ARG A 103 4.60 10.85 -5.48
CA ARG A 103 4.18 11.37 -6.78
C ARG A 103 2.97 10.55 -7.24
N LEU A 104 1.80 11.21 -7.19
CA LEU A 104 0.59 10.61 -7.70
C LEU A 104 0.62 10.61 -9.21
N PRO A 105 -0.05 9.64 -9.85
CA PRO A 105 0.04 9.47 -11.31
C PRO A 105 -0.92 10.40 -12.06
N SER A 106 -0.50 10.70 -13.29
CA SER A 106 -1.33 11.32 -14.31
C SER A 106 -2.03 10.29 -15.20
N ARG A 107 -1.48 9.09 -15.25
CA ARG A 107 -1.85 8.09 -16.24
C ARG A 107 -1.70 6.69 -15.58
N CYS A 108 -2.29 5.72 -16.21
CA CYS A 108 -2.22 4.32 -15.83
C CYS A 108 -1.11 3.61 -16.56
N GLU A 109 -0.17 3.00 -15.85
CA GLU A 109 0.89 2.21 -16.49
C GLU A 109 0.30 0.95 -17.05
N PRO A 110 0.85 0.48 -18.19
CA PRO A 110 0.29 -0.68 -18.87
C PRO A 110 0.71 -2.01 -18.27
N PRO A 111 -0.04 -3.06 -18.66
CA PRO A 111 0.35 -4.42 -18.31
C PRO A 111 1.79 -4.69 -18.72
N GLY A 112 2.49 -5.43 -17.90
CA GLY A 112 3.88 -5.83 -18.13
C GLY A 112 4.89 -4.85 -17.52
N THR A 113 4.44 -3.72 -17.01
CA THR A 113 5.36 -2.76 -16.39
C THR A 113 5.93 -3.35 -15.11
N THR A 114 7.22 -3.17 -14.87
CA THR A 114 7.83 -3.59 -13.61
C THR A 114 7.66 -2.48 -12.57
N CYS A 115 7.30 -2.93 -11.39
CA CYS A 115 6.94 -2.07 -10.24
C CYS A 115 7.58 -2.61 -8.97
N THR A 116 7.59 -1.79 -7.93
CA THR A 116 8.09 -2.20 -6.63
C THR A 116 6.99 -1.98 -5.59
N VAL A 117 6.73 -3.00 -4.80
CA VAL A 117 5.80 -2.92 -3.66
C VAL A 117 6.60 -3.08 -2.37
N SER A 118 6.21 -2.30 -1.35
CA SER A 118 6.95 -2.25 -0.06
C SER A 118 6.03 -2.33 1.11
N GLY A 119 6.60 -2.81 2.23
CA GLY A 119 5.88 -2.84 3.46
C GLY A 119 6.61 -3.57 4.58
N TRP A 120 6.04 -3.46 5.78
CA TRP A 120 6.49 -4.11 7.00
C TRP A 120 5.62 -5.28 7.36
N GLY A 121 4.78 -5.75 6.46
CA GLY A 121 3.93 -6.88 6.75
C GLY A 121 4.77 -8.16 6.88
N THR A 122 4.05 -9.22 7.21
CA THR A 122 4.71 -10.50 7.46
C THR A 122 5.44 -10.97 6.23
N THR A 123 6.61 -11.61 6.49
CA THR A 123 7.42 -12.17 5.42
C THR A 123 7.21 -13.67 5.24
N THR A 124 6.35 -14.24 6.11
CA THR A 124 5.97 -15.64 6.09
C THR A 124 4.46 -15.77 6.23
N SER A 125 3.89 -16.87 5.78
CA SER A 125 2.45 -17.13 5.89
C SER A 125 2.22 -18.60 5.78
N PRO A 126 1.34 -19.22 6.54
CA PRO A 126 0.44 -18.57 7.51
C PRO A 126 1.09 -18.19 8.84
N ASP A 127 2.20 -18.80 9.18
CA ASP A 127 2.86 -18.41 10.41
C ASP A 127 3.61 -17.13 10.16
N VAL A 128 3.41 -16.16 11.04
CA VAL A 128 3.90 -14.81 10.75
C VAL A 128 5.30 -14.53 11.29
N THR A 129 5.96 -13.63 10.63
CA THR A 129 7.25 -13.11 10.91
C THR A 129 7.26 -11.65 10.50
N PHE A 130 7.34 -10.73 11.43
CA PHE A 130 7.24 -9.29 11.11
C PHE A 130 8.62 -8.69 11.17
N PRO A 131 9.02 -8.09 10.03
CA PRO A 131 10.38 -7.50 9.93
C PRO A 131 10.52 -6.12 10.54
N SER A 132 11.75 -5.80 10.96
CA SER A 132 12.05 -4.45 11.36
C SER A 132 12.32 -3.53 10.19
N ASP A 133 12.96 -4.00 9.16
CA ASP A 133 13.25 -3.13 8.06
C ASP A 133 12.20 -3.25 6.98
N LEU A 134 11.93 -2.10 6.34
CA LEU A 134 10.99 -2.04 5.23
C LEU A 134 11.45 -3.00 4.12
N MET A 135 10.55 -3.87 3.66
CA MET A 135 10.87 -4.87 2.67
CA MET A 135 10.89 -4.87 2.67
C MET A 135 10.24 -4.49 1.33
N CYS A 136 10.90 -4.89 0.23
CA CYS A 136 10.53 -4.59 -1.13
C CYS A 136 10.56 -5.84 -1.98
C CYS A 136 10.56 -5.84 -1.98
N VAL A 137 9.66 -5.91 -2.95
N VAL A 137 9.66 -5.92 -2.94
CA VAL A 137 9.78 -6.89 -4.04
CA VAL A 137 9.77 -6.89 -4.04
C VAL A 137 9.36 -6.23 -5.32
N ASP A 138 9.94 -6.64 -6.44
CA ASP A 138 9.51 -6.18 -7.75
C ASP A 138 8.54 -7.20 -8.34
N VAL A 139 7.46 -6.63 -8.90
CA VAL A 139 6.37 -7.37 -9.50
C VAL A 139 5.98 -6.71 -10.79
N LYS A 140 5.35 -7.40 -11.71
CA LYS A 140 4.90 -6.87 -12.95
C LYS A 140 3.38 -6.73 -13.00
N LEU A 141 2.89 -5.66 -13.61
CA LEU A 141 1.45 -5.49 -13.77
C LEU A 141 0.89 -6.57 -14.68
N ILE A 142 -0.26 -7.09 -14.35
CA ILE A 142 -0.97 -8.15 -15.08
C ILE A 142 -2.25 -7.57 -15.64
N SER A 143 -2.53 -7.89 -16.91
CA SER A 143 -3.72 -7.33 -17.52
C SER A 143 -5.01 -7.79 -16.84
N PRO A 144 -6.06 -7.00 -16.90
CA PRO A 144 -7.35 -7.46 -16.36
C PRO A 144 -7.80 -8.80 -16.95
N GLN A 145 -7.60 -8.99 -18.25
CA GLN A 145 -8.08 -10.22 -18.86
C GLN A 145 -7.33 -11.43 -18.29
N ASP A 146 -6.04 -11.25 -18.09
CA ASP A 146 -5.26 -12.37 -17.49
C ASP A 146 -5.63 -12.55 -16.04
N CYS A 147 -5.82 -11.46 -15.32
CA CYS A 147 -6.09 -11.59 -13.91
C CYS A 147 -7.45 -12.21 -13.65
N THR A 148 -8.45 -11.91 -14.54
CA THR A 148 -9.78 -12.47 -14.36
C THR A 148 -9.77 -13.98 -14.45
N LYS A 149 -8.83 -14.53 -15.25
CA LYS A 149 -8.77 -15.98 -15.34
C LYS A 149 -8.56 -16.63 -13.95
N VAL A 150 -7.80 -15.94 -13.11
CA VAL A 150 -7.54 -16.40 -11.77
C VAL A 150 -8.69 -16.05 -10.84
N TYR A 151 -9.08 -14.76 -10.75
CA TYR A 151 -9.95 -14.29 -9.70
C TYR A 151 -11.43 -14.16 -10.07
N LYS A 152 -11.74 -14.22 -11.36
CA LYS A 152 -13.15 -14.29 -11.76
C LYS A 152 -13.98 -13.19 -11.09
N ASP A 153 -15.09 -13.53 -10.42
CA ASP A 153 -15.99 -12.49 -9.92
C ASP A 153 -15.37 -11.68 -8.77
N LEU A 154 -14.27 -12.11 -8.20
CA LEU A 154 -13.65 -11.32 -7.13
C LEU A 154 -13.05 -10.02 -7.66
N LEU A 155 -12.76 -9.94 -8.95
CA LEU A 155 -12.08 -8.76 -9.45
CA LEU A 155 -12.06 -8.81 -9.56
C LEU A 155 -13.08 -7.77 -10.01
N GLU A 156 -12.84 -6.54 -9.67
CA GLU A 156 -13.75 -5.49 -10.15
CA GLU A 156 -13.49 -5.32 -10.07
C GLU A 156 -12.84 -4.47 -10.81
C GLU A 156 -12.64 -4.34 -10.86
N ASN A 157 -13.26 -3.53 -11.58
N ASN A 157 -13.27 -3.37 -11.53
CA ASN A 157 -12.59 -2.63 -12.50
CA ASN A 157 -12.63 -2.56 -12.55
C ASN A 157 -11.41 -1.77 -12.09
C ASN A 157 -11.44 -1.73 -12.15
N SER A 158 -11.49 -1.31 -10.87
N SER A 158 -11.58 -1.25 -10.94
CA SER A 158 -10.45 -0.42 -10.31
CA SER A 158 -10.49 -0.46 -10.35
C SER A 158 -9.48 -1.18 -9.45
N MET A 159 -9.44 -2.48 -9.56
CA MET A 159 -8.43 -3.36 -8.98
C MET A 159 -7.37 -3.61 -10.07
N LEU A 160 -6.12 -3.60 -9.65
CA LEU A 160 -4.94 -3.83 -10.49
C LEU A 160 -4.21 -5.03 -9.94
N CYS A 161 -3.89 -6.00 -10.78
CA CYS A 161 -3.16 -7.19 -10.37
C CYS A 161 -1.66 -7.05 -10.68
N ALA A 162 -0.83 -7.65 -9.86
CA ALA A 162 0.61 -7.64 -10.13
C ALA A 162 1.25 -8.86 -9.48
N GLY A 163 2.28 -9.38 -10.12
CA GLY A 163 3.02 -10.52 -9.59
C GLY A 163 4.15 -10.91 -10.54
N ILE A 164 4.79 -12.00 -10.21
CA ILE A 164 5.87 -12.59 -11.02
C ILE A 164 5.44 -14.04 -11.29
N PRO A 165 5.48 -14.50 -12.55
CA PRO A 165 5.05 -15.88 -12.85
C PRO A 165 5.82 -16.86 -11.99
N ASP A 166 5.13 -17.81 -11.40
CA ASP A 166 5.62 -18.99 -10.76
C ASP A 166 6.38 -18.59 -9.52
N SER A 167 6.07 -17.42 -8.95
CA SER A 167 6.84 -16.87 -7.85
C SER A 167 5.98 -16.61 -6.62
N LYS A 168 6.56 -16.81 -5.45
CA LYS A 168 5.96 -16.43 -4.19
C LYS A 168 6.00 -14.96 -3.89
N LYS A 169 6.77 -14.17 -4.65
CA LYS A 169 6.93 -12.74 -4.36
C LYS A 169 5.60 -12.02 -4.34
N ASN A 170 5.28 -11.36 -3.21
CA ASN A 170 3.93 -10.81 -3.07
C ASN A 170 3.80 -10.02 -1.79
N ALA A 171 2.69 -9.35 -1.54
CA ALA A 171 2.25 -8.70 -0.41
C ALA A 171 1.58 -9.69 0.53
N CYS A 172 1.47 -9.30 1.78
CA CYS A 172 0.81 -10.12 2.78
C CYS A 172 0.27 -9.26 3.87
N ASN A 173 -0.27 -9.88 4.92
CA ASN A 173 -0.88 -9.19 6.03
C ASN A 173 0.05 -8.12 6.61
N GLY A 174 -0.49 -6.93 6.84
CA GLY A 174 0.25 -5.80 7.35
C GLY A 174 0.79 -4.88 6.27
N ASP A 175 0.77 -5.33 5.01
CA ASP A 175 1.25 -4.54 3.87
C ASP A 175 0.17 -3.63 3.26
N SER A 176 -1.09 -3.87 3.62
CA SER A 176 -2.18 -3.12 2.96
C SER A 176 -1.99 -1.63 3.07
N GLY A 177 -2.42 -0.95 1.99
CA GLY A 177 -2.30 0.49 1.92
C GLY A 177 -0.97 0.99 1.51
N GLY A 178 0.05 0.11 1.49
CA GLY A 178 1.37 0.50 1.06
C GLY A 178 1.48 0.60 -0.44
N PRO A 179 2.57 1.24 -0.89
CA PRO A 179 2.70 1.63 -2.27
C PRO A 179 3.24 0.57 -3.21
N LEU A 180 2.64 0.56 -4.40
CA LEU A 180 3.13 -0.10 -5.61
C LEU A 180 3.52 1.03 -6.54
N VAL A 181 4.82 1.21 -6.76
CA VAL A 181 5.33 2.33 -7.57
C VAL A 181 5.89 1.75 -8.85
N CYS A 182 5.60 2.43 -9.96
CA CYS A 182 6.04 1.99 -11.27
C CYS A 182 6.51 3.19 -12.04
N ARG A 183 7.74 3.18 -12.57
CA ARG A 183 8.22 4.27 -13.41
C ARG A 183 8.00 5.63 -12.76
N GLY A 184 8.24 5.70 -11.47
CA GLY A 184 8.20 7.01 -10.81
C GLY A 184 6.86 7.48 -10.29
N THR A 185 5.78 6.72 -10.47
CA THR A 185 4.50 7.16 -9.91
C THR A 185 3.87 6.07 -9.09
N LEU A 186 3.01 6.49 -8.18
CA LEU A 186 2.19 5.57 -7.38
C LEU A 186 1.09 4.99 -8.25
N GLN A 187 1.16 3.71 -8.55
CA GLN A 187 0.14 3.05 -9.37
C GLN A 187 -0.82 2.20 -8.56
N GLY A 188 -0.42 1.73 -7.38
CA GLY A 188 -1.29 0.90 -6.62
C GLY A 188 -1.14 1.12 -5.13
N LEU A 189 -2.20 0.72 -4.38
CA LEU A 189 -2.15 0.52 -2.95
C LEU A 189 -2.44 -0.93 -2.68
N VAL A 190 -1.64 -1.59 -1.83
CA VAL A 190 -1.88 -3.00 -1.54
C VAL A 190 -3.28 -3.16 -1.00
N SER A 191 -4.05 -4.12 -1.56
CA SER A 191 -5.41 -4.36 -1.09
C SER A 191 -5.63 -5.80 -0.61
N TRP A 192 -5.43 -6.80 -1.44
CA TRP A 192 -5.75 -8.16 -1.05
C TRP A 192 -4.99 -9.17 -1.91
N GLY A 193 -5.04 -10.41 -1.48
CA GLY A 193 -4.46 -11.56 -2.21
C GLY A 193 -5.06 -12.82 -1.68
N THR A 194 -4.43 -13.94 -1.91
CA THR A 194 -4.93 -15.19 -1.38
C THR A 194 -4.14 -15.54 -0.11
N PHE A 195 -4.71 -16.45 0.62
CA PHE A 195 -4.28 -16.90 1.94
C PHE A 195 -4.11 -18.41 1.94
N PRO A 196 -2.98 -18.95 2.36
CA PRO A 196 -1.78 -18.23 2.77
C PRO A 196 -1.15 -17.41 1.65
N CYS A 197 -0.46 -16.37 2.04
CA CYS A 197 0.17 -15.50 1.07
C CYS A 197 1.25 -16.23 0.28
N GLY A 198 1.57 -15.61 -0.86
CA GLY A 198 2.73 -16.12 -1.63
C GLY A 198 2.48 -17.37 -2.40
N GLN A 199 1.22 -17.64 -2.78
CA GLN A 199 0.97 -18.81 -3.66
C GLN A 199 1.39 -18.46 -5.07
N PRO A 200 2.25 -19.24 -5.68
CA PRO A 200 2.66 -18.92 -7.05
C PRO A 200 1.42 -18.84 -7.96
N ASN A 201 1.41 -17.82 -8.77
CA ASN A 201 0.41 -17.58 -9.79
C ASN A 201 -0.89 -17.04 -9.24
N ASP A 202 -0.94 -16.70 -7.97
CA ASP A 202 -2.07 -15.91 -7.43
C ASP A 202 -1.62 -14.47 -7.30
N PRO A 203 -2.01 -13.58 -8.20
CA PRO A 203 -1.51 -12.20 -8.15
C PRO A 203 -1.86 -11.49 -6.86
N GLY A 204 -1.02 -10.51 -6.49
CA GLY A 204 -1.49 -9.50 -5.55
C GLY A 204 -2.45 -8.57 -6.20
N VAL A 205 -3.38 -8.07 -5.43
CA VAL A 205 -4.43 -7.15 -5.93
C VAL A 205 -4.31 -5.84 -5.19
N TYR A 206 -4.34 -4.76 -5.99
CA TYR A 206 -4.06 -3.42 -5.59
C TYR A 206 -5.20 -2.49 -6.01
N THR A 207 -5.42 -1.44 -5.23
CA THR A 207 -6.30 -0.38 -5.69
C THR A 207 -5.56 0.41 -6.76
N GLN A 208 -6.19 0.57 -7.93
CA GLN A 208 -5.54 1.22 -9.06
C GLN A 208 -5.63 2.71 -8.93
N VAL A 209 -4.59 3.34 -8.47
CA VAL A 209 -4.60 4.76 -8.08
C VAL A 209 -4.97 5.70 -9.21
N CYS A 210 -4.58 5.37 -10.44
CA CYS A 210 -4.89 6.23 -11.58
C CYS A 210 -6.40 6.34 -11.85
N LYS A 211 -7.25 5.59 -11.20
CA LYS A 211 -8.69 5.69 -11.31
C LYS A 211 -9.31 6.57 -10.23
N PHE A 212 -8.52 7.03 -9.27
CA PHE A 212 -9.04 7.70 -8.08
C PHE A 212 -8.45 9.07 -7.82
N THR A 213 -7.70 9.64 -8.71
CA THR A 213 -7.00 10.91 -8.40
C THR A 213 -8.00 12.02 -8.24
N LYS A 214 -9.10 12.08 -8.99
CA LYS A 214 -10.12 13.13 -8.75
C LYS A 214 -10.67 13.02 -7.33
N TRP A 215 -11.06 11.81 -6.89
CA TRP A 215 -11.59 11.65 -5.52
C TRP A 215 -10.55 12.04 -4.50
N ILE A 216 -9.29 11.67 -4.70
CA ILE A 216 -8.26 12.00 -3.74
C ILE A 216 -8.16 13.53 -3.60
N ASN A 217 -8.05 14.20 -4.72
CA ASN A 217 -7.89 15.68 -4.69
C ASN A 217 -9.12 16.33 -4.11
N ASP A 218 -10.29 15.91 -4.58
CA ASP A 218 -11.55 16.51 -4.15
C ASP A 218 -11.71 16.34 -2.64
N THR A 219 -11.37 15.16 -2.09
CA THR A 219 -11.57 14.93 -0.66
C THR A 219 -10.63 15.75 0.17
N MET A 220 -9.37 15.88 -0.24
CA MET A 220 -8.47 16.73 0.50
C MET A 220 -8.96 18.19 0.49
N LYS A 221 -9.46 18.65 -0.68
CA LYS A 221 -9.96 20.04 -0.78
C LYS A 221 -11.12 20.26 0.19
N LYS A 222 -12.00 19.29 0.23
CA LYS A 222 -13.24 19.35 0.98
C LYS A 222 -12.95 19.46 2.48
N HIS A 223 -11.95 18.71 2.90
CA HIS A 223 -11.58 18.64 4.33
C HIS A 223 -10.49 19.52 4.81
N ARG A 224 -10.28 20.66 4.23
CA ARG A 224 -9.37 21.72 4.72
C ARG A 224 -9.26 22.83 3.67
CAF K7J B . -8.60 -16.69 -0.21
OAU K7J B . -7.45 -16.40 -0.01
CAE K7J B . -9.12 -18.09 -0.15
CAD K7J B . -8.21 -19.23 -0.38
CAD K7J B . -8.07 -19.12 -0.56
CAB K7J B . -7.10 -19.48 -1.34
CAB K7J B . -8.41 -19.36 -2.04
OAA K7J B . -5.93 -19.71 -0.91
OAA K7J B . -7.77 -20.27 -2.62
OAC K7J B . -7.30 -19.50 -2.57
OAC K7J B . -9.30 -18.61 -2.52
N K7J B . -9.41 -15.69 -0.49
CA K7J B . -8.97 -14.31 -0.57
C K7J B . -8.93 -13.71 0.82
O K7J B . -9.75 -14.08 1.69
CB K7J B . -9.96 -13.51 -1.43
NAJ K7J B . -8.04 -12.73 1.00
NAJ K7J B . -7.99 -12.80 1.06
CAK K7J B . -7.77 -12.14 2.31
CAK K7J B . -7.84 -12.11 2.34
CAL K7J B . -7.44 -10.68 2.06
CAL K7J B . -7.40 -10.68 2.09
OAY K7J B . -6.54 -10.43 1.27
OAY K7J B . -6.42 -10.45 1.38
CAX K7J B . -6.55 -12.76 3.00
CAX K7J B . -6.93 -12.78 3.34
NAM K7J B . -8.07 -9.71 2.73
CAN K7J B . -7.57 -8.32 2.65
CAO K7J B . -6.32 -8.18 3.48
OBC K7J B . -6.19 -8.76 4.57
CBB K7J B . -8.75 -7.52 3.21
CBA K7J B . -9.35 -8.47 4.24
CAZ K7J B . -9.22 -9.81 3.58
CAR K7J B . -4.03 -5.72 4.29
OAE K7J B . -2.92 -5.66 5.15
CAQ K7J B . -4.11 -7.14 3.67
NAP K7J B . -5.38 -7.36 3.01
CBD K7J B . -2.95 -7.36 2.71
CBG K7J B . -2.87 -8.77 2.14
CBF K7J B . -2.35 -8.93 0.84
CBH K7J B . -3.24 -9.89 2.86
CBI K7J B . -2.19 -10.18 0.32
CBK K7J B . -3.09 -11.17 2.29
CBJ K7J B . -2.56 -11.31 1.02
CAS K7J B . -5.28 -5.34 5.12
#